data_7HNF
#
_entry.id   7HNF
#
_cell.length_a   95.459
_cell.length_b   95.459
_cell.length_c   45.730
_cell.angle_alpha   90.000
_cell.angle_beta   90.000
_cell.angle_gamma   90.000
#
_symmetry.space_group_name_H-M   'I 4'
#
loop_
_entity.id
_entity.type
_entity.pdbx_description
1 polymer 'E3 ubiquitin-protein ligase TRIM21'
2 non-polymer (5-fluoro-3,6-dihydropyridin-1(2H)-yl)(morpholin-4-yl)methanone
3 non-polymer 1,2-ETHANEDIOL
4 non-polymer 'SULFATE ION'
5 non-polymer '4-(2-HYDROXYETHYL)-1-PIPERAZINE ETHANESULFONIC ACID'
6 water water
#
_entity_poly.entity_id   1
_entity_poly.type   'polypeptide(L)'
_entity_poly.pdbx_seq_one_letter_code
;MHHHHHHMVHITLDRNTANSWLIISKDRRQVRMGDTHQNVSDNKERFSNYPMVLGAQRFSSGKMYWEVDVTQKEAWDLGV
CRDSVQRKGQFSLSPENGFWTIWLWQDSYEAGTSPQTTLHIQVPPCQIGIFVDYEAGVVSFYNITDHGSLIYTFSECVFA
GPLRPFFNVGFNYSGGNAAPLKLCPLKM
;
_entity_poly.pdbx_strand_id   B
#
loop_
_chem_comp.id
_chem_comp.type
_chem_comp.name
_chem_comp.formula
A1BFV non-polymer (5-fluoro-3,6-dihydropyridin-1(2H)-yl)(morpholin-4-yl)methanone 'C10 H15 F N2 O2'
EDO non-polymer 1,2-ETHANEDIOL 'C2 H6 O2'
EPE non-polymer '4-(2-HYDROXYETHYL)-1-PIPERAZINE ETHANESULFONIC ACID' 'C8 H18 N2 O4 S'
SO4 non-polymer 'SULFATE ION' 'O4 S -2'
#
# COMPACT_ATOMS: atom_id res chain seq x y z
N HIS A 2 11.95 13.60 -8.86
CA HIS A 2 11.25 12.90 -9.98
C HIS A 2 10.29 13.86 -10.69
N HIS A 3 9.83 13.48 -11.88
CA HIS A 3 8.88 14.25 -12.73
C HIS A 3 7.69 13.36 -13.13
N HIS A 4 7.17 12.55 -12.20
CA HIS A 4 6.09 11.53 -12.40
C HIS A 4 4.72 12.11 -12.00
N HIS A 5 4.72 13.28 -11.33
CA HIS A 5 3.50 13.91 -10.74
C HIS A 5 2.36 14.03 -11.77
N HIS A 6 2.65 14.25 -13.07
CA HIS A 6 1.63 14.44 -14.14
C HIS A 6 0.88 13.15 -14.49
N HIS A 7 1.31 11.97 -14.03
CA HIS A 7 0.57 10.68 -14.17
C HIS A 7 -0.34 10.45 -12.97
N MET A 8 -0.57 11.47 -12.16
CA MET A 8 -1.39 11.40 -10.93
C MET A 8 -2.74 10.77 -11.28
N VAL A 9 -3.20 9.85 -10.44
CA VAL A 9 -4.53 9.19 -10.55
C VAL A 9 -5.24 9.37 -9.19
N HIS A 10 -6.57 9.49 -9.22
CA HIS A 10 -7.39 9.66 -8.00
C HIS A 10 -7.78 8.28 -7.48
N ILE A 11 -7.12 7.83 -6.42
CA ILE A 11 -7.38 6.49 -5.87
C ILE A 11 -8.48 6.58 -4.78
N THR A 12 -9.35 5.60 -4.77
CA THR A 12 -10.34 5.45 -3.67
C THR A 12 -10.25 4.02 -3.14
N LEU A 13 -10.62 3.85 -1.85
CA LEU A 13 -10.51 2.52 -1.24
C LEU A 13 -11.76 1.69 -1.48
N ASP A 14 -11.62 0.41 -1.67
CA ASP A 14 -12.72 -0.54 -1.92
C ASP A 14 -13.08 -1.23 -0.57
N ARG A 15 -14.19 -0.75 0.03
N ARG A 15 -14.17 -0.77 0.06
CA ARG A 15 -14.78 -1.21 1.33
CA ARG A 15 -14.65 -1.25 1.39
C ARG A 15 -14.96 -2.73 1.39
C ARG A 15 -14.92 -2.76 1.39
N ASN A 16 -15.27 -3.34 0.24
CA ASN A 16 -15.58 -4.77 0.17
C ASN A 16 -14.33 -5.63 0.38
N THR A 17 -13.13 -5.05 0.13
CA THR A 17 -11.87 -5.81 0.25
C THR A 17 -11.27 -5.65 1.66
N ALA A 18 -11.78 -4.71 2.42
CA ALA A 18 -11.17 -4.33 3.71
C ALA A 18 -11.28 -5.47 4.73
N ASN A 19 -10.27 -5.68 5.52
CA ASN A 19 -10.42 -6.40 6.78
C ASN A 19 -11.60 -5.78 7.56
N SER A 20 -12.32 -6.63 8.28
CA SER A 20 -13.55 -6.25 8.99
C SER A 20 -13.28 -5.31 10.16
N TRP A 21 -12.05 -5.06 10.59
CA TRP A 21 -11.76 -4.10 11.67
C TRP A 21 -11.48 -2.71 11.11
N LEU A 22 -11.39 -2.56 9.78
CA LEU A 22 -10.99 -1.25 9.24
C LEU A 22 -12.19 -0.31 9.16
N ILE A 23 -11.89 0.95 9.32
CA ILE A 23 -12.84 2.08 9.17
C ILE A 23 -12.36 2.97 8.02
N ILE A 24 -13.15 2.99 6.98
CA ILE A 24 -12.85 3.81 5.77
C ILE A 24 -13.73 5.05 5.78
N SER A 25 -13.17 6.20 5.52
CA SER A 25 -13.90 7.47 5.59
C SER A 25 -14.98 7.51 4.50
N LYS A 26 -15.94 8.41 4.66
CA LYS A 26 -17.04 8.61 3.69
C LYS A 26 -16.52 8.86 2.27
N ASP A 27 -15.46 9.68 2.16
CA ASP A 27 -14.85 10.01 0.84
C ASP A 27 -14.00 8.84 0.28
N ARG A 28 -13.84 7.74 1.01
CA ARG A 28 -13.07 6.56 0.59
C ARG A 28 -11.59 6.96 0.35
N ARG A 29 -11.10 7.95 1.04
CA ARG A 29 -9.70 8.41 0.88
C ARG A 29 -8.85 8.19 2.13
N GLN A 30 -9.43 7.75 3.25
CA GLN A 30 -8.71 7.51 4.52
C GLN A 30 -9.14 6.16 5.10
N VAL A 31 -8.21 5.51 5.80
CA VAL A 31 -8.49 4.22 6.46
C VAL A 31 -7.69 4.15 7.74
N ARG A 32 -8.32 3.64 8.78
CA ARG A 32 -7.63 3.37 10.04
C ARG A 32 -8.17 2.06 10.65
N MET A 33 -7.38 1.58 11.61
N MET A 33 -7.40 1.43 11.52
CA MET A 33 -7.70 0.40 12.43
CA MET A 33 -7.88 0.18 12.17
C MET A 33 -8.76 0.79 13.47
C MET A 33 -8.65 0.56 13.44
N GLY A 34 -9.90 0.09 13.48
CA GLY A 34 -10.83 0.24 14.60
C GLY A 34 -10.37 -0.55 15.81
N ASP A 35 -10.97 -0.27 16.97
CA ASP A 35 -10.61 -0.99 18.23
C ASP A 35 -11.46 -2.27 18.34
N THR A 36 -12.36 -2.55 17.41
CA THR A 36 -13.21 -3.78 17.38
C THR A 36 -13.64 -4.15 15.94
N HIS A 37 -14.29 -5.29 15.74
CA HIS A 37 -14.98 -5.63 14.46
C HIS A 37 -15.95 -4.52 14.09
N GLN A 38 -16.02 -4.11 12.83
CA GLN A 38 -16.81 -2.94 12.40
C GLN A 38 -18.21 -3.32 11.88
N ASN A 39 -18.69 -4.49 12.23
CA ASN A 39 -20.15 -4.81 12.09
C ASN A 39 -20.53 -4.94 10.64
N VAL A 40 -19.65 -5.51 9.83
CA VAL A 40 -19.85 -5.82 8.40
C VAL A 40 -19.97 -7.34 8.22
N SER A 41 -20.63 -7.79 7.16
CA SER A 41 -20.66 -9.21 6.77
C SER A 41 -19.30 -9.64 6.22
N ASP A 42 -18.98 -10.91 6.34
CA ASP A 42 -17.77 -11.51 5.73
C ASP A 42 -18.05 -11.72 4.25
N ASN A 43 -16.98 -11.76 3.44
CA ASN A 43 -17.09 -12.05 1.99
C ASN A 43 -15.72 -12.57 1.56
N LYS A 44 -15.65 -13.14 0.38
CA LYS A 44 -14.42 -13.83 -0.08
C LYS A 44 -13.32 -12.82 -0.47
N GLU A 45 -13.66 -11.55 -0.65
CA GLU A 45 -12.65 -10.49 -1.00
C GLU A 45 -11.88 -10.00 0.24
N ARG A 46 -12.43 -10.06 1.45
CA ARG A 46 -11.81 -9.39 2.62
C ARG A 46 -10.52 -10.05 3.00
N PHE A 47 -9.47 -9.25 3.22
CA PHE A 47 -8.25 -9.79 3.85
C PHE A 47 -8.61 -10.22 5.30
N SER A 48 -8.41 -11.46 5.65
CA SER A 48 -8.88 -12.01 6.96
C SER A 48 -7.86 -11.83 8.07
N ASN A 49 -6.57 -11.93 7.84
CA ASN A 49 -5.53 -12.08 8.88
C ASN A 49 -4.82 -10.77 9.22
N TYR A 50 -4.93 -9.76 8.36
CA TYR A 50 -4.13 -8.52 8.50
C TYR A 50 -5.01 -7.31 8.17
N PRO A 51 -4.65 -6.10 8.67
CA PRO A 51 -5.45 -4.89 8.48
C PRO A 51 -5.24 -4.23 7.09
N MET A 52 -5.55 -5.01 6.05
CA MET A 52 -5.28 -4.66 4.64
C MET A 52 -6.57 -4.29 3.91
N VAL A 53 -6.40 -3.50 2.86
CA VAL A 53 -7.48 -3.05 1.94
C VAL A 53 -6.87 -2.73 0.59
N LEU A 54 -7.65 -2.87 -0.46
CA LEU A 54 -7.24 -2.50 -1.83
C LEU A 54 -7.89 -1.21 -2.28
N GLY A 55 -7.23 -0.51 -3.21
CA GLY A 55 -7.91 0.54 -4.00
C GLY A 55 -8.94 -0.10 -4.94
N ALA A 56 -9.94 0.68 -5.31
CA ALA A 56 -11.00 0.23 -6.26
C ALA A 56 -10.44 0.16 -7.69
N GLN A 57 -9.47 1.00 -7.98
CA GLN A 57 -8.96 1.13 -9.37
C GLN A 57 -8.17 -0.14 -9.74
N ARG A 58 -8.29 -0.59 -11.00
CA ARG A 58 -7.49 -1.67 -11.58
C ARG A 58 -6.69 -1.11 -12.75
N PHE A 59 -5.42 -1.44 -12.80
CA PHE A 59 -4.52 -0.92 -13.87
C PHE A 59 -3.92 -2.09 -14.62
N SER A 60 -3.99 -2.05 -15.96
N SER A 60 -4.00 -2.05 -15.96
CA SER A 60 -3.45 -3.12 -16.84
CA SER A 60 -3.45 -3.08 -16.88
C SER A 60 -2.51 -2.55 -17.92
C SER A 60 -2.61 -2.45 -17.98
N SER A 61 -2.35 -1.22 -17.97
N SER A 61 -2.22 -1.19 -17.83
CA SER A 61 -1.45 -0.50 -18.92
CA SER A 61 -1.49 -0.47 -18.87
C SER A 61 -1.04 0.85 -18.33
C SER A 61 -1.13 0.93 -18.40
N GLY A 62 -0.09 1.53 -18.98
CA GLY A 62 0.21 2.95 -18.73
C GLY A 62 1.03 3.21 -17.47
N LYS A 63 1.09 4.48 -17.17
CA LYS A 63 1.88 5.04 -16.06
C LYS A 63 0.87 5.66 -15.09
N MET A 64 1.03 5.39 -13.80
CA MET A 64 0.14 5.82 -12.71
C MET A 64 0.97 6.31 -11.54
N TYR A 65 0.52 7.33 -10.84
CA TYR A 65 1.23 7.93 -9.68
C TYR A 65 0.19 8.30 -8.65
N TRP A 66 0.44 8.02 -7.38
CA TRP A 66 -0.39 8.54 -6.26
C TRP A 66 0.51 8.74 -5.03
N GLU A 67 -0.04 9.43 -4.02
CA GLU A 67 0.66 9.74 -2.77
C GLU A 67 -0.16 9.35 -1.55
N VAL A 68 0.54 8.87 -0.54
CA VAL A 68 -0.12 8.41 0.72
C VAL A 68 0.55 9.10 1.89
N ASP A 69 -0.27 9.61 2.81
CA ASP A 69 0.19 10.22 4.09
C ASP A 69 0.33 9.14 5.15
N VAL A 70 1.49 9.04 5.77
CA VAL A 70 1.81 8.03 6.82
C VAL A 70 2.20 8.69 8.16
N THR A 71 1.88 9.98 8.31
CA THR A 71 2.23 10.79 9.50
C THR A 71 1.86 10.02 10.78
N GLN A 72 2.83 9.99 11.68
CA GLN A 72 2.85 9.45 13.06
C GLN A 72 2.48 7.97 13.15
N LYS A 73 2.57 7.20 12.08
CA LYS A 73 2.45 5.75 12.19
C LYS A 73 3.74 5.04 12.55
N GLU A 74 3.65 3.96 13.28
CA GLU A 74 4.79 3.10 13.66
C GLU A 74 4.98 1.92 12.71
N ALA A 75 3.90 1.53 12.00
CA ALA A 75 3.93 0.34 11.15
C ALA A 75 2.89 0.49 10.04
N TRP A 76 3.25 0.09 8.83
CA TRP A 76 2.35 0.11 7.64
C TRP A 76 3.04 -0.62 6.50
N ASP A 77 2.26 -1.08 5.54
CA ASP A 77 2.78 -1.55 4.22
C ASP A 77 2.10 -0.73 3.13
N LEU A 78 2.78 -0.43 2.03
CA LEU A 78 2.21 0.30 0.88
C LEU A 78 2.77 -0.27 -0.41
N GLY A 79 1.93 -0.28 -1.44
CA GLY A 79 2.45 -0.52 -2.80
C GLY A 79 1.30 -0.89 -3.72
N VAL A 80 1.54 -1.90 -4.55
N VAL A 80 1.50 -1.94 -4.50
CA VAL A 80 0.52 -2.50 -5.46
CA VAL A 80 0.50 -2.38 -5.51
C VAL A 80 0.53 -4.01 -5.33
C VAL A 80 0.58 -3.91 -5.52
N CYS A 81 -0.54 -4.61 -5.83
CA CYS A 81 -0.57 -6.07 -5.87
C CYS A 81 -1.44 -6.54 -7.02
N ARG A 82 -1.28 -7.79 -7.38
N ARG A 82 -1.26 -7.78 -7.40
CA ARG A 82 -2.20 -8.41 -8.36
CA ARG A 82 -2.13 -8.42 -8.43
C ARG A 82 -3.63 -8.39 -7.84
C ARG A 82 -3.57 -8.57 -7.90
N ASP A 83 -4.59 -8.31 -8.74
CA ASP A 83 -6.01 -8.45 -8.35
C ASP A 83 -6.21 -9.84 -7.74
N SER A 84 -5.47 -10.87 -8.14
CA SER A 84 -5.75 -12.26 -7.72
C SER A 84 -4.96 -12.70 -6.47
N VAL A 85 -4.32 -11.77 -5.73
CA VAL A 85 -3.62 -12.18 -4.49
C VAL A 85 -4.57 -12.91 -3.54
N GLN A 86 -3.99 -13.87 -2.85
CA GLN A 86 -4.64 -14.58 -1.70
C GLN A 86 -5.21 -13.57 -0.70
N ARG A 87 -6.42 -13.80 -0.22
CA ARG A 87 -7.07 -12.91 0.79
C ARG A 87 -7.10 -13.58 2.17
N LYS A 88 -7.13 -14.91 2.25
CA LYS A 88 -7.41 -15.62 3.52
C LYS A 88 -6.18 -16.32 4.05
N GLY A 89 -5.98 -16.37 5.36
CA GLY A 89 -4.83 -17.05 5.95
C GLY A 89 -3.57 -16.23 5.95
N GLN A 90 -2.47 -16.88 6.28
CA GLN A 90 -1.15 -16.25 6.41
C GLN A 90 -0.42 -16.29 5.07
N PHE A 91 0.32 -15.22 4.78
CA PHE A 91 1.19 -15.14 3.59
C PHE A 91 2.23 -14.03 3.79
N SER A 92 3.34 -14.11 3.06
N SER A 92 3.31 -14.13 3.01
CA SER A 92 4.37 -13.04 3.05
CA SER A 92 4.40 -13.14 2.93
C SER A 92 4.15 -12.13 1.85
C SER A 92 4.10 -12.12 1.83
N LEU A 93 4.53 -10.87 2.01
CA LEU A 93 4.51 -9.88 0.94
C LEU A 93 5.75 -10.07 0.11
N SER A 94 5.61 -10.55 -1.13
CA SER A 94 6.74 -10.81 -2.04
C SER A 94 6.22 -10.70 -3.45
N PRO A 95 7.10 -10.43 -4.43
CA PRO A 95 6.68 -10.48 -5.83
C PRO A 95 6.20 -11.88 -6.23
N GLU A 96 6.76 -12.94 -5.66
CA GLU A 96 6.30 -14.32 -5.98
C GLU A 96 4.83 -14.48 -5.59
N ASN A 97 4.36 -13.82 -4.54
CA ASN A 97 2.96 -13.90 -4.08
C ASN A 97 2.13 -12.76 -4.66
N GLY A 98 2.67 -11.95 -5.59
CA GLY A 98 1.90 -10.92 -6.29
C GLY A 98 1.84 -9.55 -5.62
N PHE A 99 2.88 -9.23 -4.81
CA PHE A 99 2.97 -7.91 -4.12
C PHE A 99 4.26 -7.18 -4.46
N TRP A 100 4.16 -5.88 -4.67
CA TRP A 100 5.32 -4.96 -4.84
C TRP A 100 5.15 -3.83 -3.84
N THR A 101 5.82 -3.96 -2.70
CA THR A 101 5.52 -3.16 -1.48
C THR A 101 6.81 -2.72 -0.78
N ILE A 102 6.64 -1.68 0.04
CA ILE A 102 7.64 -1.32 1.11
C ILE A 102 6.89 -1.23 2.42
N TRP A 103 7.62 -1.18 3.50
CA TRP A 103 6.99 -1.08 4.83
C TRP A 103 7.89 -0.40 5.83
N LEU A 104 7.23 0.05 6.91
CA LEU A 104 7.89 0.47 8.17
C LEU A 104 7.51 -0.56 9.23
N TRP A 105 8.51 -0.99 10.01
CA TRP A 105 8.29 -1.94 11.11
C TRP A 105 9.45 -1.77 12.08
N GLN A 106 9.12 -1.54 13.36
CA GLN A 106 10.16 -1.47 14.44
C GLN A 106 11.27 -0.54 14.00
N ASP A 107 10.95 0.67 13.61
CA ASP A 107 11.94 1.74 13.39
C ASP A 107 12.86 1.45 12.18
N SER A 108 12.56 0.46 11.34
CA SER A 108 13.32 0.23 10.07
C SER A 108 12.34 0.18 8.89
N TYR A 109 12.82 0.66 7.76
CA TYR A 109 12.10 0.59 6.46
C TYR A 109 12.70 -0.50 5.62
N GLU A 110 11.85 -1.34 5.00
N GLU A 110 11.83 -1.31 5.01
CA GLU A 110 12.30 -2.49 4.18
CA GLU A 110 12.23 -2.49 4.18
C GLU A 110 11.42 -2.62 2.93
C GLU A 110 11.44 -2.48 2.87
N ALA A 111 12.02 -3.07 1.82
CA ALA A 111 11.27 -3.45 0.62
C ALA A 111 10.89 -4.91 0.74
N GLY A 112 9.65 -5.20 0.30
CA GLY A 112 9.05 -6.55 0.30
C GLY A 112 9.59 -7.46 -0.78
N THR A 113 10.89 -7.59 -0.94
CA THR A 113 11.52 -8.71 -1.67
C THR A 113 11.55 -9.97 -0.80
N SER A 114 11.95 -11.11 -1.37
CA SER A 114 12.12 -12.35 -0.59
C SER A 114 13.56 -12.84 -0.73
N PRO A 115 14.41 -12.70 0.31
CA PRO A 115 14.07 -12.07 1.58
C PRO A 115 14.02 -10.53 1.45
N GLN A 116 13.52 -9.86 2.47
CA GLN A 116 13.31 -8.40 2.47
C GLN A 116 14.65 -7.65 2.33
N THR A 117 14.60 -6.46 1.80
CA THR A 117 15.77 -5.59 1.54
C THR A 117 15.71 -4.38 2.45
N THR A 118 16.81 -4.10 3.17
CA THR A 118 16.98 -2.87 3.96
C THR A 118 16.93 -1.62 3.12
N LEU A 119 16.14 -0.64 3.49
CA LEU A 119 16.06 0.67 2.83
C LEU A 119 16.93 1.66 3.63
N HIS A 120 17.43 2.67 2.98
CA HIS A 120 18.34 3.69 3.56
C HIS A 120 17.64 5.03 3.46
N ILE A 121 16.94 5.44 4.50
CA ILE A 121 16.13 6.68 4.52
C ILE A 121 16.69 7.57 5.66
N GLN A 122 17.20 8.73 5.29
CA GLN A 122 17.80 9.69 6.26
C GLN A 122 16.70 10.56 6.87
N VAL A 123 15.65 10.83 6.10
CA VAL A 123 14.53 11.73 6.52
C VAL A 123 13.25 10.90 6.64
N PRO A 124 12.78 10.47 7.84
CA PRO A 124 11.60 9.62 7.90
C PRO A 124 10.45 10.26 7.15
N PRO A 125 9.83 9.57 6.17
CA PRO A 125 8.79 10.19 5.36
C PRO A 125 7.48 10.36 6.11
N CYS A 126 6.84 11.49 5.84
CA CYS A 126 5.43 11.70 6.25
C CYS A 126 4.47 11.44 5.09
N GLN A 127 4.94 11.56 3.84
N GLN A 127 5.04 11.40 3.88
CA GLN A 127 4.14 11.18 2.64
CA GLN A 127 4.27 11.22 2.63
C GLN A 127 5.05 10.45 1.64
C GLN A 127 5.13 10.36 1.69
N ILE A 128 4.48 9.39 1.05
CA ILE A 128 5.15 8.42 0.12
C ILE A 128 4.48 8.61 -1.24
N GLY A 129 5.27 8.73 -2.30
CA GLY A 129 4.79 8.68 -3.70
C GLY A 129 5.05 7.30 -4.29
N ILE A 130 4.04 6.77 -4.99
CA ILE A 130 4.10 5.43 -5.64
C ILE A 130 3.89 5.59 -7.15
N PHE A 131 4.85 5.14 -7.91
CA PHE A 131 4.82 5.23 -9.39
C PHE A 131 4.83 3.80 -9.94
N VAL A 132 3.89 3.53 -10.85
CA VAL A 132 3.81 2.25 -11.59
C VAL A 132 3.92 2.53 -13.11
N ASP A 133 4.87 1.86 -13.74
CA ASP A 133 4.93 1.83 -15.23
C ASP A 133 4.64 0.40 -15.66
N TYR A 134 3.40 0.16 -16.10
CA TYR A 134 2.96 -1.22 -16.38
C TYR A 134 3.81 -1.89 -17.47
N GLU A 135 3.98 -1.16 -18.56
CA GLU A 135 4.69 -1.70 -19.75
C GLU A 135 6.14 -1.96 -19.42
N ALA A 136 6.79 -1.07 -18.69
CA ALA A 136 8.19 -1.21 -18.33
C ALA A 136 8.41 -2.24 -17.22
N GLY A 137 7.39 -2.67 -16.47
CA GLY A 137 7.55 -3.56 -15.33
C GLY A 137 8.31 -2.90 -14.16
N VAL A 138 7.88 -1.68 -13.81
CA VAL A 138 8.54 -0.87 -12.74
C VAL A 138 7.50 -0.45 -11.71
N VAL A 139 7.91 -0.58 -10.45
CA VAL A 139 7.21 0.10 -9.30
C VAL A 139 8.26 0.86 -8.48
N SER A 140 8.08 2.15 -8.32
CA SER A 140 9.04 3.01 -7.61
C SER A 140 8.33 3.77 -6.50
N PHE A 141 9.10 4.04 -5.45
CA PHE A 141 8.67 4.69 -4.21
C PHE A 141 9.54 5.91 -3.99
N TYR A 142 8.90 7.02 -3.60
CA TYR A 142 9.55 8.33 -3.45
C TYR A 142 9.22 8.92 -2.09
N ASN A 143 10.19 9.62 -1.52
CA ASN A 143 10.08 10.30 -0.19
C ASN A 143 9.61 11.75 -0.41
N ILE A 144 8.33 12.07 -0.28
CA ILE A 144 7.82 13.40 -0.64
C ILE A 144 8.36 14.39 0.40
N THR A 145 8.58 13.96 1.63
CA THR A 145 9.11 14.84 2.73
C THR A 145 10.52 15.29 2.38
N ASP A 146 11.31 14.48 1.71
CA ASP A 146 12.71 14.80 1.29
C ASP A 146 12.78 15.13 -0.20
N HIS A 147 11.96 16.06 -0.67
CA HIS A 147 12.07 16.63 -2.05
C HIS A 147 11.94 15.51 -3.08
N GLY A 148 11.17 14.48 -2.79
CA GLY A 148 10.89 13.44 -3.80
C GLY A 148 12.02 12.45 -3.98
N SER A 149 12.96 12.30 -3.06
CA SER A 149 14.13 11.42 -3.23
C SER A 149 13.67 9.97 -3.43
N LEU A 150 14.38 9.21 -4.22
CA LEU A 150 14.06 7.77 -4.44
C LEU A 150 14.27 6.97 -3.17
N ILE A 151 13.27 6.14 -2.85
CA ILE A 151 13.36 5.15 -1.79
C ILE A 151 13.74 3.76 -2.32
N TYR A 152 13.02 3.31 -3.37
CA TYR A 152 13.24 1.92 -3.86
C TYR A 152 12.60 1.79 -5.25
N THR A 153 13.21 1.02 -6.15
CA THR A 153 12.63 0.62 -7.44
C THR A 153 12.67 -0.89 -7.59
N PHE A 154 11.48 -1.48 -7.77
CA PHE A 154 11.33 -2.86 -8.29
C PHE A 154 11.32 -2.76 -9.82
N SER A 155 12.29 -3.45 -10.42
CA SER A 155 12.31 -3.54 -11.88
C SER A 155 12.23 -5.01 -12.29
N GLU A 156 12.03 -5.20 -13.59
CA GLU A 156 11.81 -6.56 -14.15
C GLU A 156 10.61 -7.21 -13.44
N CYS A 157 9.60 -6.38 -13.16
CA CYS A 157 8.41 -6.91 -12.46
C CYS A 157 7.60 -7.82 -13.41
N VAL A 158 7.09 -8.92 -12.89
CA VAL A 158 6.21 -9.79 -13.71
C VAL A 158 4.82 -9.66 -13.10
N PHE A 159 4.05 -8.65 -13.48
CA PHE A 159 2.75 -8.33 -12.86
C PHE A 159 1.81 -9.53 -13.00
N ALA A 160 1.67 -10.02 -14.24
CA ALA A 160 0.92 -11.27 -14.55
C ALA A 160 -0.57 -11.08 -14.29
N GLY A 161 -1.08 -9.88 -14.40
CA GLY A 161 -2.51 -9.59 -14.16
C GLY A 161 -2.76 -8.11 -13.94
N PRO A 162 -4.00 -7.71 -13.81
CA PRO A 162 -4.34 -6.35 -13.39
C PRO A 162 -3.75 -6.07 -12.00
N LEU A 163 -3.38 -4.81 -11.82
CA LEU A 163 -2.81 -4.34 -10.51
C LEU A 163 -3.84 -3.49 -9.77
N ARG A 164 -3.81 -3.58 -8.44
CA ARG A 164 -4.60 -2.74 -7.52
C ARG A 164 -3.70 -2.03 -6.51
N PRO A 165 -3.97 -0.75 -6.20
CA PRO A 165 -3.28 -0.12 -5.05
C PRO A 165 -3.51 -0.97 -3.79
N PHE A 166 -2.46 -1.12 -3.00
CA PHE A 166 -2.43 -1.98 -1.80
C PHE A 166 -2.01 -1.17 -0.57
N PHE A 167 -2.71 -1.43 0.57
CA PHE A 167 -2.53 -0.71 1.85
C PHE A 167 -2.59 -1.71 3.00
N ASN A 168 -1.77 -1.48 4.00
CA ASN A 168 -1.86 -2.14 5.32
C ASN A 168 -1.65 -1.05 6.38
N VAL A 169 -2.67 -0.80 7.22
CA VAL A 169 -2.56 0.24 8.28
C VAL A 169 -1.75 -0.28 9.47
N GLY A 170 -1.47 -1.60 9.50
CA GLY A 170 -0.79 -2.24 10.64
C GLY A 170 -1.65 -2.39 11.89
N PHE A 171 -1.20 -3.30 12.73
CA PHE A 171 -1.82 -3.52 14.06
C PHE A 171 -1.51 -2.35 14.96
N ASN A 172 -2.22 -2.32 16.08
CA ASN A 172 -2.02 -1.25 17.08
C ASN A 172 -1.95 -1.93 18.47
N TYR A 173 -1.06 -2.88 18.61
CA TYR A 173 -0.76 -3.49 19.93
C TYR A 173 -0.15 -2.46 20.85
N SER A 174 0.64 -1.50 20.40
CA SER A 174 1.44 -0.55 21.21
C SER A 174 0.60 0.64 21.67
N GLY A 175 -0.55 0.91 21.07
CA GLY A 175 -1.29 2.15 21.28
C GLY A 175 -0.67 3.33 20.58
N GLY A 176 0.41 3.15 19.83
CA GLY A 176 1.08 4.25 19.11
C GLY A 176 0.86 4.22 17.60
N ASN A 177 0.02 3.31 17.09
CA ASN A 177 -0.18 3.15 15.64
C ASN A 177 -1.64 3.31 15.22
N ALA A 178 -2.42 4.12 15.90
CA ALA A 178 -3.86 4.31 15.56
C ALA A 178 -4.08 5.21 14.35
N ALA A 179 -3.10 6.03 14.00
CA ALA A 179 -3.30 7.06 12.93
C ALA A 179 -3.67 6.40 11.60
N PRO A 180 -4.45 7.12 10.78
CA PRO A 180 -4.84 6.58 9.47
C PRO A 180 -3.75 6.65 8.37
N LEU A 181 -3.93 5.85 7.33
CA LEU A 181 -3.34 6.13 6.00
C LEU A 181 -4.31 7.06 5.30
N LYS A 182 -3.78 8.08 4.62
CA LYS A 182 -4.66 9.02 3.88
C LYS A 182 -4.14 9.16 2.45
N LEU A 183 -5.01 9.07 1.46
CA LEU A 183 -4.65 9.43 0.06
C LEU A 183 -4.61 10.94 -0.06
N CYS A 184 -3.46 11.48 -0.47
CA CYS A 184 -3.21 12.95 -0.54
C CYS A 184 -3.80 13.52 -1.80
N PRO A 185 -4.30 14.77 -1.75
CA PRO A 185 -4.82 15.42 -2.93
C PRO A 185 -3.71 15.65 -3.95
N LEU A 186 -4.10 15.51 -5.21
CA LEU A 186 -3.46 16.01 -6.47
C LEU A 186 -3.23 17.52 -6.37
N1 A1BFV B . -7.77 -8.91 14.10
C4 A1BFV B . -8.56 -9.91 13.38
C5 A1BFV B . -7.72 -7.65 13.37
C6 A1BFV B . -7.06 -9.24 15.18
C7 A1BFV B . -5.10 -8.46 16.47
C8 A1BFV B . -5.20 -8.19 17.94
C10 A1BFV B . -7.00 -6.93 16.21
C1 A1BFV B . -7.20 -7.98 12.00
C2 A1BFV B . -7.17 -9.19 11.49
C3 A1BFV B . -7.74 -10.37 12.19
C9 A1BFV B . -6.95 -6.70 17.70
F1 A1BFV B . -6.75 -6.91 11.35
N2 A1BFV B . -6.42 -8.24 15.88
O1 A1BFV B . -6.86 -10.40 15.46
O2 A1BFV B . -5.64 -6.86 18.20
C1 EDO C . -5.36 -21.30 11.76
O1 EDO C . -5.68 -20.13 11.04
C2 EDO C . -4.11 -21.17 12.53
O2 EDO C . -4.22 -20.14 13.47
S SO4 D . 4.49 -17.60 2.11
O1 SO4 D . 3.34 -16.84 1.77
O2 SO4 D . 4.15 -18.98 2.22
O3 SO4 D . 5.48 -17.43 1.06
O4 SO4 D . 5.05 -17.13 3.37
N1 EPE E . 4.93 -7.62 6.87
C2 EPE E . 3.63 -7.51 7.56
C3 EPE E . 3.19 -6.08 7.69
N4 EPE E . 4.18 -5.28 8.41
C5 EPE E . 5.51 -5.39 7.78
C6 EPE E . 5.92 -6.83 7.63
C7 EPE E . 3.77 -3.89 8.68
C8 EPE E . 2.28 -3.68 8.89
O8 EPE E . 1.66 -4.61 9.79
C9 EPE E . 5.35 -9.03 6.75
C10 EPE E . 5.69 -9.50 5.35
S EPE E . 6.57 -11.05 5.37
O1S EPE E . 6.70 -11.44 3.99
O2S EPE E . 5.89 -11.93 6.28
O3S EPE E . 7.98 -10.77 5.94
#